data_6B81
#
_entry.id   6B81
#
_cell.length_a   51.061
_cell.length_b   61.683
_cell.length_c   54.027
_cell.angle_alpha   90.000
_cell.angle_beta   118.930
_cell.angle_gamma   90.000
#
_symmetry.space_group_name_H-M   'P 1 21 1'
#
loop_
_entity.id
_entity.type
_entity.pdbx_description
1 polymer 'Basic phospholipase A2 homolog 2'
2 non-polymer 'SULFATE ION'
3 non-polymer 'OCTANOIC ACID (CAPRYLIC ACID)'
4 water water
#
_entity_poly.entity_id   1
_entity_poly.type   'polypeptide(L)'
_entity_poly.pdbx_seq_one_letter_code
;SLFELGKMILQETGKNPAKSYGVYGCNCGVGGRGKPKDATDRCCYVHKCCYKKLTGCDPKKDRYSYSWKDKTIVCGENNS
CLKELCECDKAVAICLRENLDTYNKKYRYNYLKPFCKKADPC
;
_entity_poly.pdbx_strand_id   B,A
#
# COMPACT_ATOMS: atom_id res chain seq x y z
N SER A 1 -9.90 6.67 7.47
CA SER A 1 -9.00 6.67 6.32
C SER A 1 -7.62 6.19 6.74
N LEU A 2 -6.69 6.13 5.79
CA LEU A 2 -5.32 5.74 6.08
C LEU A 2 -4.73 6.58 7.20
N PHE A 3 -5.15 7.85 7.26
CA PHE A 3 -4.62 8.75 8.27
C PHE A 3 -5.00 8.35 9.68
N GLU A 4 -6.30 8.19 9.95
CA GLU A 4 -6.74 7.84 11.31
C GLU A 4 -6.16 6.49 11.71
N LEU A 5 -6.19 5.55 10.78
CA LEU A 5 -5.63 4.23 10.99
C LEU A 5 -4.15 4.31 11.37
N GLY A 6 -3.37 5.06 10.58
CA GLY A 6 -1.95 5.18 10.85
C GLY A 6 -1.68 5.88 12.17
N LYS A 7 -2.45 6.92 12.46
CA LYS A 7 -2.24 7.66 13.70
C LYS A 7 -2.54 6.76 14.89
N MET A 8 -3.62 5.98 14.79
CA MET A 8 -3.93 5.04 15.87
C MET A 8 -2.79 4.06 16.12
N ILE A 9 -2.27 3.51 15.03
CA ILE A 9 -1.17 2.56 15.13
C ILE A 9 0.05 3.19 15.78
N LEU A 10 0.33 4.44 15.38
CA LEU A 10 1.44 5.19 15.97
C LEU A 10 1.22 5.42 17.46
N GLN A 11 0.02 5.83 17.83
CA GLN A 11 -0.25 6.17 19.22
C GLN A 11 -0.13 4.94 20.11
N GLU A 12 -0.61 3.79 19.61
CA GLU A 12 -0.52 2.56 20.37
C GLU A 12 0.91 1.99 20.38
N THR A 13 1.49 1.79 19.20
CA THR A 13 2.77 1.09 19.10
C THR A 13 3.98 1.99 19.35
N GLY A 14 3.84 3.29 19.10
CA GLY A 14 4.97 4.19 19.18
C GLY A 14 5.89 4.08 17.96
N LYS A 15 5.46 3.34 16.95
CA LYS A 15 6.26 3.13 15.75
C LYS A 15 5.62 3.78 14.53
N ASN A 16 6.45 4.31 13.63
CA ASN A 16 5.90 4.85 12.39
C ASN A 16 5.07 3.78 11.69
N PRO A 17 3.78 4.06 11.48
CA PRO A 17 2.84 3.05 11.01
C PRO A 17 3.12 2.61 9.57
N ALA A 18 3.50 3.56 8.72
CA ALA A 18 3.69 3.21 7.31
C ALA A 18 4.96 2.41 7.11
N LYS A 19 6.02 2.77 7.84
CA LYS A 19 7.27 2.03 7.77
C LYS A 19 7.12 0.59 8.25
N SER A 20 6.51 0.41 9.42
CA SER A 20 6.46 -0.93 10.00
C SER A 20 5.38 -1.83 9.41
N TYR A 21 4.28 -1.24 8.92
CA TYR A 21 3.13 -2.06 8.55
C TYR A 21 2.59 -1.80 7.15
N GLY A 22 3.18 -0.85 6.44
CA GLY A 22 2.68 -0.47 5.13
C GLY A 22 2.73 -1.56 4.09
N VAL A 23 3.73 -2.44 4.17
CA VAL A 23 3.85 -3.58 3.23
C VAL A 23 4.30 -4.84 3.98
N TYR A 24 3.77 -5.04 5.19
CA TYR A 24 4.27 -6.11 6.05
C TYR A 24 3.55 -7.43 5.80
N GLY A 25 4.33 -8.50 5.66
CA GLY A 25 3.78 -9.84 5.58
C GLY A 25 2.80 -10.05 4.44
N CYS A 26 1.81 -10.90 4.67
CA CYS A 26 0.86 -11.24 3.62
C CYS A 26 -0.44 -10.47 3.77
N ASN A 27 -0.58 -9.72 4.86
CA ASN A 27 -1.85 -9.06 5.15
C ASN A 27 -1.81 -7.58 5.45
N CYS A 28 -0.65 -7.05 5.83
CA CYS A 28 -0.60 -5.65 6.26
C CYS A 28 -0.36 -4.69 5.10
N GLY A 29 -1.19 -3.67 5.00
CA GLY A 29 -1.01 -2.63 4.02
C GLY A 29 -1.52 -2.99 2.64
N VAL A 30 -0.71 -2.70 1.63
CA VAL A 30 -1.08 -2.92 0.25
C VAL A 30 -1.57 -4.36 0.02
N GLY A 31 -2.60 -4.50 -0.82
CA GLY A 31 -3.08 -5.81 -1.22
C GLY A 31 -4.31 -6.28 -0.46
N GLY A 32 -4.62 -7.56 -0.64
CA GLY A 32 -5.71 -8.20 0.09
C GLY A 32 -5.13 -9.05 1.19
N ARG A 33 -5.78 -10.16 1.49
CA ARG A 33 -5.32 -11.06 2.55
C ARG A 33 -4.54 -12.24 1.99
N GLY A 34 -3.91 -12.98 2.89
CA GLY A 34 -3.16 -14.18 2.55
C GLY A 34 -2.91 -14.94 3.84
N LYS A 35 -2.37 -16.15 3.73
CA LYS A 35 -1.98 -16.90 4.93
C LYS A 35 -1.06 -16.04 5.81
N PRO A 36 -1.45 -15.82 7.07
CA PRO A 36 -0.64 -14.94 7.94
C PRO A 36 0.76 -15.48 8.22
N LYS A 37 1.75 -14.60 8.19
CA LYS A 37 3.14 -14.97 8.45
C LYS A 37 3.44 -15.12 9.94
N ASP A 38 2.74 -14.32 10.74
CA ASP A 38 2.96 -14.29 12.18
C ASP A 38 1.78 -13.59 12.86
N ALA A 39 1.90 -13.34 14.16
CA ALA A 39 0.78 -12.75 14.93
C ALA A 39 0.47 -11.33 14.47
N THR A 40 1.50 -10.56 14.20
CA THR A 40 1.33 -9.20 13.66
C THR A 40 0.54 -9.24 12.35
N ASP A 41 0.92 -10.16 11.47
CA ASP A 41 0.25 -10.31 10.18
C ASP A 41 -1.22 -10.71 10.39
N ARG A 42 -1.47 -11.52 11.41
CA ARG A 42 -2.83 -11.97 11.70
C ARG A 42 -3.72 -10.81 12.14
N CYS A 43 -3.14 -9.83 12.83
CA CYS A 43 -3.88 -8.61 13.20
C CYS A 43 -4.48 -7.95 11.97
N CYS A 44 -3.65 -7.86 10.93
CA CYS A 44 -4.04 -7.20 9.69
C CYS A 44 -5.06 -8.04 8.92
N TYR A 45 -4.92 -9.36 8.98
CA TYR A 45 -5.89 -10.30 8.44
C TYR A 45 -7.28 -10.02 9.01
N VAL A 46 -7.35 -9.98 10.34
CA VAL A 46 -8.60 -9.73 11.04
C VAL A 46 -9.15 -8.37 10.65
N HIS A 47 -8.25 -7.39 10.56
CA HIS A 47 -8.61 -6.02 10.21
C HIS A 47 -9.30 -5.96 8.84
N LYS A 48 -8.71 -6.63 7.86
CA LYS A 48 -9.27 -6.62 6.51
C LYS A 48 -10.60 -7.37 6.46
N CYS A 49 -10.75 -8.39 7.30
CA CYS A 49 -12.04 -9.07 7.39
C CYS A 49 -13.07 -8.16 8.03
N CYS A 50 -12.63 -7.36 9.00
CA CYS A 50 -13.48 -6.37 9.65
C CYS A 50 -14.02 -5.36 8.62
N TYR A 51 -13.15 -4.93 7.72
CA TYR A 51 -13.52 -3.99 6.66
C TYR A 51 -14.61 -4.54 5.74
N LYS A 52 -14.65 -5.86 5.58
CA LYS A 52 -15.61 -6.47 4.65
C LYS A 52 -17.06 -6.33 5.10
N LYS A 53 -17.27 -6.20 6.39
CA LYS A 53 -18.61 -6.10 6.95
C LYS A 53 -19.21 -4.71 6.79
N LEU A 54 -18.36 -3.73 6.48
CA LEU A 54 -18.78 -2.34 6.42
C LEU A 54 -19.69 -2.04 5.23
N THR A 55 -20.76 -1.30 5.50
CA THR A 55 -21.68 -0.86 4.47
C THR A 55 -22.03 0.60 4.72
N GLY A 56 -21.87 1.45 3.71
CA GLY A 56 -22.24 2.84 3.84
C GLY A 56 -21.08 3.81 4.01
N CYS A 57 -19.87 3.28 4.06
CA CYS A 57 -18.68 4.12 4.12
C CYS A 57 -17.48 3.40 3.53
N ASP A 58 -16.46 4.18 3.16
CA ASP A 58 -15.27 3.65 2.48
C ASP A 58 -14.09 3.69 3.43
N PRO A 59 -13.63 2.51 3.88
CA PRO A 59 -12.57 2.43 4.90
C PRO A 59 -11.25 3.04 4.45
N LYS A 60 -11.03 3.11 3.14
CA LYS A 60 -9.77 3.66 2.63
C LYS A 60 -9.76 5.18 2.69
N LYS A 61 -10.88 5.79 2.32
CA LYS A 61 -10.91 7.23 2.08
C LYS A 61 -11.68 8.05 3.11
N ASP A 62 -12.67 7.47 3.76
CA ASP A 62 -13.53 8.28 4.63
C ASP A 62 -12.87 8.66 5.94
N ARG A 63 -13.00 9.93 6.28
CA ARG A 63 -12.47 10.47 7.53
C ARG A 63 -13.48 10.29 8.66
N TYR A 64 -12.99 10.23 9.90
CA TYR A 64 -13.87 10.09 11.05
C TYR A 64 -13.22 10.66 12.31
N SER A 65 -14.02 10.82 13.35
CA SER A 65 -13.53 11.42 14.60
C SER A 65 -13.23 10.40 15.69
N TYR A 66 -12.02 10.48 16.24
CA TYR A 66 -11.68 9.75 17.45
C TYR A 66 -10.74 10.61 18.28
N SER A 67 -10.54 10.22 19.53
CA SER A 67 -9.62 10.96 20.38
C SER A 67 -8.83 10.02 21.26
N TRP A 68 -7.81 10.58 21.90
CA TRP A 68 -6.91 9.87 22.78
C TRP A 68 -7.24 10.31 24.20
N LYS A 69 -7.82 9.42 24.99
CA LYS A 69 -8.19 9.74 26.37
C LYS A 69 -7.58 8.71 27.33
N ASP A 70 -6.84 9.18 28.32
CA ASP A 70 -6.18 8.28 29.27
C ASP A 70 -5.41 7.21 28.50
N LYS A 71 -4.65 7.65 27.49
CA LYS A 71 -3.86 6.76 26.64
C LYS A 71 -4.69 5.59 26.11
N THR A 72 -5.90 5.92 25.69
CA THR A 72 -6.83 4.96 25.11
C THR A 72 -7.47 5.58 23.88
N ILE A 73 -7.59 4.79 22.81
CA ILE A 73 -8.32 5.23 21.62
C ILE A 73 -9.82 5.25 21.93
N VAL A 74 -10.43 6.42 21.74
CA VAL A 74 -11.86 6.58 21.99
C VAL A 74 -12.59 7.03 20.72
N CYS A 75 -13.35 6.13 20.14
CA CYS A 75 -14.09 6.44 18.94
C CYS A 75 -15.20 7.42 19.27
N GLY A 76 -15.32 8.45 18.45
CA GLY A 76 -16.27 9.50 18.74
C GLY A 76 -17.58 9.29 18.01
N GLU A 77 -18.44 10.29 18.14
CA GLU A 77 -19.56 10.58 17.26
C GLU A 77 -19.82 9.61 16.09
N ASN A 78 -19.69 10.15 14.88
CA ASN A 78 -19.73 9.40 13.65
C ASN A 78 -21.12 8.81 13.45
N ASN A 79 -21.27 8.08 12.36
CA ASN A 79 -22.53 7.41 12.11
C ASN A 79 -22.29 5.91 12.24
N SER A 80 -23.29 5.12 11.87
CA SER A 80 -23.21 3.67 12.02
C SER A 80 -21.95 3.08 11.40
N CYS A 81 -21.70 3.41 10.14
CA CYS A 81 -20.57 2.81 9.44
C CYS A 81 -19.24 3.38 9.91
N LEU A 82 -19.18 4.68 10.13
CA LEU A 82 -17.92 5.30 10.55
C LEU A 82 -17.54 4.87 11.97
N LYS A 83 -18.53 4.62 12.80
CA LYS A 83 -18.29 4.10 14.14
C LYS A 83 -17.69 2.69 14.06
N GLU A 84 -18.31 1.84 13.24
CA GLU A 84 -17.81 0.49 13.03
C GLU A 84 -16.40 0.52 12.45
N LEU A 85 -16.18 1.44 11.50
CA LEU A 85 -14.86 1.63 10.91
C LEU A 85 -13.83 2.03 11.96
N CYS A 86 -14.17 3.03 12.75
CA CYS A 86 -13.30 3.50 13.81
C CYS A 86 -12.93 2.33 14.74
N GLU A 87 -13.89 1.49 15.05
CA GLU A 87 -13.63 0.39 15.98
C GLU A 87 -12.77 -0.69 15.31
N CYS A 88 -12.95 -0.89 14.01
CA CYS A 88 -12.06 -1.75 13.23
C CYS A 88 -10.61 -1.31 13.38
N ASP A 89 -10.40 -0.02 13.13
CA ASP A 89 -9.05 0.55 13.16
C ASP A 89 -8.47 0.53 14.56
N LYS A 90 -9.29 0.83 15.56
CA LYS A 90 -8.83 0.77 16.95
C LYS A 90 -8.35 -0.64 17.29
N ALA A 91 -9.11 -1.64 16.87
CA ALA A 91 -8.80 -3.01 17.23
C ALA A 91 -7.46 -3.45 16.63
N VAL A 92 -7.18 -3.05 15.39
CA VAL A 92 -5.92 -3.48 14.77
C VAL A 92 -4.75 -2.73 15.41
N ALA A 93 -4.94 -1.46 15.79
CA ALA A 93 -3.87 -0.70 16.45
C ALA A 93 -3.49 -1.38 17.76
N ILE A 94 -4.50 -1.75 18.54
CA ILE A 94 -4.29 -2.48 19.78
C ILE A 94 -3.60 -3.83 19.53
N CYS A 95 -4.13 -4.60 18.57
CA CYS A 95 -3.57 -5.90 18.25
C CYS A 95 -2.09 -5.79 17.84
N LEU A 96 -1.76 -4.79 17.03
CA LEU A 96 -0.40 -4.65 16.57
C LEU A 96 0.55 -4.35 17.75
N ARG A 97 0.12 -3.47 18.65
CA ARG A 97 0.87 -3.18 19.87
C ARG A 97 1.10 -4.43 20.71
N GLU A 98 0.02 -5.21 20.88
CA GLU A 98 0.08 -6.43 21.69
C GLU A 98 1.07 -7.47 21.16
N ASN A 99 1.36 -7.39 19.86
CA ASN A 99 2.20 -8.41 19.23
C ASN A 99 3.53 -7.83 18.75
N LEU A 100 3.93 -6.71 19.33
CA LEU A 100 5.23 -6.14 19.04
C LEU A 100 6.37 -7.09 19.43
N ASP A 101 6.12 -7.93 20.42
CA ASP A 101 7.12 -8.87 20.94
C ASP A 101 7.61 -9.87 19.89
N THR A 102 6.79 -10.13 18.88
CA THR A 102 7.21 -11.05 17.82
C THR A 102 7.30 -10.38 16.46
N TYR A 103 7.11 -9.06 16.41
CA TYR A 103 7.30 -8.32 15.16
C TYR A 103 8.66 -8.63 14.55
N ASN A 104 8.68 -8.92 13.25
CA ASN A 104 9.93 -9.29 12.57
C ASN A 104 10.17 -8.42 11.34
N LYS A 105 11.25 -7.66 11.39
CA LYS A 105 11.61 -6.73 10.32
C LYS A 105 11.71 -7.39 8.95
N LYS A 106 11.99 -8.68 8.93
CA LYS A 106 12.22 -9.38 7.67
C LYS A 106 10.93 -9.48 6.85
N TYR A 107 9.80 -9.19 7.50
CA TYR A 107 8.52 -9.21 6.81
C TYR A 107 8.12 -7.84 6.29
N ARG A 108 8.89 -6.81 6.65
CA ARG A 108 8.69 -5.48 6.06
C ARG A 108 8.90 -5.51 4.56
N TYR A 109 8.30 -4.55 3.87
CA TYR A 109 8.62 -4.30 2.48
C TYR A 109 8.38 -5.52 1.59
N ASN A 110 7.29 -6.22 1.82
CA ASN A 110 7.04 -7.47 1.11
C ASN A 110 6.30 -7.27 -0.20
N TYR A 111 7.05 -7.00 -1.27
CA TYR A 111 6.42 -6.86 -2.58
C TYR A 111 6.22 -8.24 -3.20
N LEU A 112 6.58 -9.28 -2.44
CA LEU A 112 6.33 -10.66 -2.82
C LEU A 112 4.97 -11.15 -2.30
N LYS A 113 4.11 -10.22 -1.92
CA LYS A 113 2.75 -10.56 -1.48
C LYS A 113 1.96 -11.48 -2.45
N PRO A 114 2.15 -11.33 -3.78
CA PRO A 114 1.41 -12.24 -4.66
C PRO A 114 1.75 -13.73 -4.49
N PHE A 115 2.88 -14.04 -3.85
CA PHE A 115 3.24 -15.44 -3.59
C PHE A 115 2.60 -16.02 -2.33
N CYS A 116 1.92 -15.18 -1.56
CA CYS A 116 1.25 -15.64 -0.35
C CYS A 116 0.19 -16.69 -0.66
N LYS A 117 0.06 -17.68 0.21
CA LYS A 117 -0.98 -18.69 0.08
C LYS A 117 -2.34 -18.00 0.20
N LYS A 118 -3.32 -18.49 -0.56
CA LYS A 118 -4.63 -17.86 -0.58
C LYS A 118 -5.24 -17.88 0.82
N ALA A 119 -5.84 -16.76 1.21
CA ALA A 119 -6.46 -16.65 2.53
C ALA A 119 -7.75 -17.45 2.59
N ASP A 120 -8.05 -17.97 3.78
CA ASP A 120 -9.33 -18.62 4.02
C ASP A 120 -10.44 -17.57 3.96
N PRO A 121 -11.70 -18.01 3.78
CA PRO A 121 -12.81 -17.05 3.83
C PRO A 121 -12.89 -16.36 5.17
N CYS A 122 -13.34 -15.11 5.18
CA CYS A 122 -13.56 -14.38 6.44
C CYS A 122 -14.74 -14.96 7.21
N SER B 1 1.59 -7.91 -11.60
CA SER B 1 1.22 -7.81 -10.20
C SER B 1 2.22 -6.96 -9.45
N LEU B 2 2.03 -6.84 -8.15
CA LEU B 2 2.96 -6.13 -7.29
C LEU B 2 4.37 -6.70 -7.38
N PHE B 3 4.47 -8.00 -7.68
CA PHE B 3 5.78 -8.64 -7.76
C PHE B 3 6.58 -8.17 -8.96
N GLU B 4 5.98 -8.26 -10.14
CA GLU B 4 6.66 -7.84 -11.37
C GLU B 4 6.99 -6.36 -11.30
N LEU B 5 6.01 -5.56 -10.85
CA LEU B 5 6.21 -4.13 -10.68
C LEU B 5 7.35 -3.86 -9.72
N GLY B 6 7.36 -4.54 -8.57
CA GLY B 6 8.43 -4.35 -7.60
C GLY B 6 9.79 -4.72 -8.17
N LYS B 7 9.83 -5.85 -8.86
CA LYS B 7 11.10 -6.37 -9.36
C LYS B 7 11.66 -5.43 -10.42
N MET B 8 10.80 -4.92 -11.30
CA MET B 8 11.25 -3.95 -12.32
C MET B 8 11.86 -2.72 -11.66
N ILE B 9 11.18 -2.20 -10.64
CA ILE B 9 11.67 -1.03 -9.93
C ILE B 9 13.03 -1.32 -9.30
N LEU B 10 13.16 -2.51 -8.68
CA LEU B 10 14.44 -2.92 -8.09
C LEU B 10 15.53 -3.01 -9.15
N GLN B 11 15.19 -3.63 -10.28
CA GLN B 11 16.19 -3.86 -11.32
C GLN B 11 16.69 -2.56 -11.92
N GLU B 12 15.78 -1.62 -12.13
CA GLU B 12 16.15 -0.30 -12.66
C GLU B 12 16.83 0.58 -11.62
N THR B 13 16.21 0.77 -10.46
CA THR B 13 16.73 1.71 -9.47
C THR B 13 17.84 1.17 -8.57
N GLY B 14 17.87 -0.15 -8.37
CA GLY B 14 18.82 -0.76 -7.45
C GLY B 14 18.37 -0.67 -6.00
N LYS B 15 17.18 -0.11 -5.78
CA LYS B 15 16.64 0.09 -4.44
C LYS B 15 15.48 -0.83 -4.15
N ASN B 16 15.35 -1.26 -2.89
CA ASN B 16 14.18 -2.05 -2.52
C ASN B 16 12.92 -1.23 -2.82
N PRO B 17 12.03 -1.79 -3.65
CA PRO B 17 10.93 -1.01 -4.20
C PRO B 17 9.86 -0.70 -3.16
N ALA B 18 9.60 -1.63 -2.26
CA ALA B 18 8.55 -1.43 -1.29
C ALA B 18 8.97 -0.43 -0.22
N LYS B 19 10.24 -0.47 0.17
CA LYS B 19 10.76 0.50 1.13
C LYS B 19 10.74 1.93 0.58
N SER B 20 11.28 2.12 -0.62
CA SER B 20 11.39 3.47 -1.18
C SER B 20 10.08 4.02 -1.75
N TYR B 21 9.21 3.15 -2.24
CA TYR B 21 8.03 3.62 -2.98
C TYR B 21 6.68 3.09 -2.50
N GLY B 22 6.67 2.25 -1.47
CA GLY B 22 5.44 1.62 -1.02
C GLY B 22 4.41 2.59 -0.46
N VAL B 23 4.87 3.69 0.13
CA VAL B 23 3.98 4.71 0.70
C VAL B 23 4.56 6.12 0.43
N TYR B 24 5.14 6.31 -0.75
CA TYR B 24 5.83 7.56 -1.03
C TYR B 24 4.92 8.66 -1.58
N GLY B 25 5.05 9.86 -1.04
CA GLY B 25 4.35 11.02 -1.57
C GLY B 25 2.85 10.86 -1.63
N CYS B 26 2.24 11.49 -2.64
CA CYS B 26 0.80 11.46 -2.80
C CYS B 26 0.34 10.46 -3.84
N ASN B 27 1.28 9.77 -4.47
CA ASN B 27 0.91 8.91 -5.60
C ASN B 27 1.55 7.53 -5.60
N CYS B 28 2.64 7.34 -4.85
CA CYS B 28 3.31 6.05 -4.88
C CYS B 28 2.77 5.06 -3.86
N GLY B 29 2.48 3.85 -4.33
CA GLY B 29 2.06 2.77 -3.45
C GLY B 29 0.60 2.82 -3.06
N VAL B 30 0.35 2.62 -1.78
CA VAL B 30 -1.01 2.58 -1.23
C VAL B 30 -1.82 3.81 -1.61
N GLY B 31 -3.10 3.61 -1.88
CA GLY B 31 -4.00 4.71 -2.13
C GLY B 31 -4.18 5.05 -3.59
N GLY B 32 -4.74 6.22 -3.85
CA GLY B 32 -4.97 6.67 -5.22
C GLY B 32 -3.98 7.75 -5.61
N ARG B 33 -4.42 8.68 -6.43
CA ARG B 33 -3.56 9.77 -6.87
C ARG B 33 -3.78 11.04 -6.06
N GLY B 34 -2.90 12.01 -6.25
CA GLY B 34 -3.01 13.30 -5.60
C GLY B 34 -2.03 14.24 -6.26
N LYS B 35 -2.04 15.51 -5.86
CA LYS B 35 -1.08 16.47 -6.38
C LYS B 35 0.32 15.96 -6.08
N PRO B 36 1.13 15.77 -7.13
CA PRO B 36 2.48 15.18 -6.97
C PRO B 36 3.38 16.02 -6.07
N LYS B 37 4.16 15.35 -5.22
CA LYS B 37 5.09 16.04 -4.32
C LYS B 37 6.34 16.46 -5.06
N ASP B 38 6.77 15.61 -5.99
CA ASP B 38 7.99 15.84 -6.76
C ASP B 38 7.97 15.02 -8.04
N ALA B 39 9.13 14.91 -8.68
CA ALA B 39 9.23 14.17 -9.94
C ALA B 39 9.03 12.66 -9.73
N THR B 40 9.58 12.14 -8.65
CA THR B 40 9.37 10.74 -8.30
C THR B 40 7.88 10.47 -8.11
N ASP B 41 7.20 11.35 -7.40
CA ASP B 41 5.77 11.20 -7.16
C ASP B 41 4.98 11.27 -8.48
N ARG B 42 5.41 12.13 -9.39
CA ARG B 42 4.70 12.26 -10.66
C ARG B 42 4.84 10.99 -11.49
N CYS B 43 5.95 10.28 -11.36
CA CYS B 43 6.11 8.98 -12.00
C CYS B 43 4.96 8.05 -11.63
N CYS B 44 4.68 7.99 -10.34
CA CYS B 44 3.61 7.15 -9.82
C CYS B 44 2.23 7.66 -10.24
N TYR B 45 2.08 8.98 -10.30
CA TYR B 45 0.89 9.61 -10.85
C TYR B 45 0.58 9.09 -12.26
N VAL B 46 1.56 9.18 -13.13
CA VAL B 46 1.43 8.70 -14.51
C VAL B 46 1.10 7.20 -14.53
N HIS B 47 1.79 6.44 -13.69
CA HIS B 47 1.60 4.99 -13.60
C HIS B 47 0.15 4.62 -13.27
N LYS B 48 -0.42 5.29 -12.27
CA LYS B 48 -1.78 4.98 -11.87
C LYS B 48 -2.81 5.39 -12.93
N CYS B 49 -2.49 6.44 -13.70
CA CYS B 49 -3.31 6.81 -14.84
C CYS B 49 -3.21 5.77 -15.94
N CYS B 50 -2.01 5.20 -16.10
CA CYS B 50 -1.76 4.14 -17.08
C CYS B 50 -2.65 2.93 -16.78
N TYR B 51 -2.78 2.62 -15.50
CA TYR B 51 -3.58 1.48 -15.07
C TYR B 51 -5.04 1.62 -15.45
N LYS B 52 -5.50 2.85 -15.58
CA LYS B 52 -6.92 3.12 -15.82
C LYS B 52 -7.36 2.73 -17.23
N LYS B 53 -6.43 2.77 -18.18
CA LYS B 53 -6.74 2.43 -19.56
C LYS B 53 -6.81 0.92 -19.79
N LEU B 54 -6.38 0.15 -18.79
CA LEU B 54 -6.33 -1.30 -18.93
C LEU B 54 -7.73 -1.92 -18.93
N THR B 55 -8.00 -2.79 -19.89
CA THR B 55 -9.23 -3.57 -19.92
C THR B 55 -8.91 -5.02 -20.26
N GLY B 56 -9.41 -5.95 -19.45
CA GLY B 56 -9.23 -7.37 -19.70
C GLY B 56 -8.33 -8.02 -18.68
N CYS B 57 -7.64 -7.21 -17.88
CA CYS B 57 -6.79 -7.75 -16.84
C CYS B 57 -6.77 -6.86 -15.60
N ASP B 58 -6.26 -7.43 -14.50
CA ASP B 58 -6.24 -6.77 -13.21
C ASP B 58 -4.80 -6.50 -12.76
N PRO B 59 -4.37 -5.23 -12.80
CA PRO B 59 -2.98 -4.83 -12.60
C PRO B 59 -2.37 -5.17 -11.25
N LYS B 60 -3.20 -5.44 -10.25
CA LYS B 60 -2.67 -5.64 -8.90
C LYS B 60 -2.29 -7.09 -8.60
N LYS B 61 -3.04 -8.04 -9.18
CA LYS B 61 -2.83 -9.44 -8.87
C LYS B 61 -2.41 -10.30 -10.08
N ASP B 62 -2.64 -9.79 -11.30
CA ASP B 62 -2.31 -10.59 -12.49
C ASP B 62 -0.80 -10.68 -12.72
N ARG B 63 -0.33 -11.92 -12.78
CA ARG B 63 1.07 -12.20 -13.10
C ARG B 63 1.30 -12.04 -14.60
N TYR B 64 2.55 -11.76 -14.97
CA TYR B 64 2.91 -11.71 -16.38
C TYR B 64 4.39 -11.94 -16.56
N SER B 65 4.80 -12.19 -17.80
CA SER B 65 6.19 -12.49 -18.10
C SER B 65 6.90 -11.33 -18.77
N TYR B 66 8.07 -11.01 -18.25
CA TYR B 66 8.97 -10.08 -18.90
C TYR B 66 10.36 -10.62 -18.64
N SER B 67 11.35 -10.10 -19.35
CA SER B 67 12.72 -10.52 -19.07
C SER B 67 13.66 -9.33 -18.97
N TRP B 68 14.82 -9.59 -18.39
CA TRP B 68 15.87 -8.61 -18.21
C TRP B 68 16.96 -8.97 -19.21
N LYS B 69 17.07 -8.18 -20.28
CA LYS B 69 17.97 -8.48 -21.38
C LYS B 69 18.84 -7.26 -21.69
N ASP B 70 20.16 -7.43 -21.65
CA ASP B 70 21.08 -6.31 -21.82
C ASP B 70 20.70 -5.18 -20.87
N LYS B 71 20.44 -5.53 -19.61
CA LYS B 71 20.01 -4.58 -18.60
C LYS B 71 18.88 -3.67 -19.08
N THR B 72 17.92 -4.30 -19.75
CA THR B 72 16.73 -3.63 -20.25
C THR B 72 15.51 -4.49 -19.97
N ILE B 73 14.41 -3.87 -19.56
CA ILE B 73 13.15 -4.59 -19.37
C ILE B 73 12.52 -4.88 -20.71
N VAL B 74 12.28 -6.16 -20.98
CA VAL B 74 11.62 -6.57 -22.22
C VAL B 74 10.34 -7.32 -21.92
N CYS B 75 9.20 -6.72 -22.26
CA CYS B 75 7.92 -7.35 -22.02
C CYS B 75 7.72 -8.53 -22.96
N GLY B 76 7.21 -9.64 -22.42
CA GLY B 76 7.10 -10.86 -23.20
C GLY B 76 5.70 -11.44 -23.20
N GLU B 77 4.70 -10.58 -23.34
CA GLU B 77 3.31 -11.01 -23.35
C GLU B 77 2.67 -10.87 -24.73
N ASN B 78 1.94 -11.91 -25.15
CA ASN B 78 1.10 -11.85 -26.34
C ASN B 78 -0.36 -11.79 -25.93
N ASN B 79 -0.57 -11.27 -24.73
CA ASN B 79 -1.88 -10.92 -24.20
C ASN B 79 -1.90 -9.40 -24.16
N SER B 80 -2.80 -8.78 -24.91
CA SER B 80 -2.78 -7.32 -25.09
C SER B 80 -2.81 -6.56 -23.76
N CYS B 81 -3.72 -6.94 -22.87
CA CYS B 81 -3.83 -6.26 -21.59
C CYS B 81 -2.58 -6.45 -20.72
N LEU B 82 -2.10 -7.69 -20.65
CA LEU B 82 -0.90 -7.97 -19.84
C LEU B 82 0.32 -7.30 -20.45
N LYS B 83 0.34 -7.20 -21.78
CA LYS B 83 1.41 -6.49 -22.48
C LYS B 83 1.39 -5.01 -22.07
N GLU B 84 0.20 -4.43 -22.14
CA GLU B 84 -0.04 -3.05 -21.74
C GLU B 84 0.36 -2.82 -20.28
N LEU B 85 -0.02 -3.77 -19.43
CA LEU B 85 0.32 -3.73 -18.01
C LEU B 85 1.83 -3.74 -17.82
N CYS B 86 2.48 -4.68 -18.49
CA CYS B 86 3.93 -4.80 -18.45
C CYS B 86 4.59 -3.47 -18.83
N GLU B 87 4.09 -2.86 -19.90
CA GLU B 87 4.68 -1.62 -20.37
C GLU B 87 4.42 -0.47 -19.38
N CYS B 88 3.26 -0.48 -18.75
CA CYS B 88 2.97 0.50 -17.69
C CYS B 88 4.01 0.41 -16.59
N ASP B 89 4.25 -0.81 -16.11
CA ASP B 89 5.19 -1.06 -15.03
C ASP B 89 6.62 -0.76 -15.45
N LYS B 90 6.97 -1.09 -16.69
CA LYS B 90 8.30 -0.79 -17.20
C LYS B 90 8.55 0.71 -17.20
N ALA B 91 7.56 1.46 -17.65
CA ALA B 91 7.69 2.90 -17.74
C ALA B 91 7.88 3.56 -16.37
N VAL B 92 7.17 3.07 -15.35
CA VAL B 92 7.32 3.70 -14.05
C VAL B 92 8.67 3.30 -13.44
N ALA B 93 9.14 2.09 -13.70
CA ALA B 93 10.44 1.67 -13.20
C ALA B 93 11.54 2.57 -13.77
N ILE B 94 11.47 2.81 -15.07
CA ILE B 94 12.41 3.69 -15.76
C ILE B 94 12.32 5.12 -15.22
N CYS B 95 11.10 5.62 -15.11
CA CYS B 95 10.88 6.98 -14.61
C CYS B 95 11.44 7.17 -13.20
N LEU B 96 11.22 6.20 -12.33
CA LEU B 96 11.73 6.29 -10.96
C LEU B 96 13.26 6.31 -10.95
N ARG B 97 13.88 5.48 -11.79
CA ARG B 97 15.33 5.49 -11.93
C ARG B 97 15.83 6.85 -12.37
N GLU B 98 15.16 7.40 -13.38
CA GLU B 98 15.56 8.68 -13.97
C GLU B 98 15.47 9.83 -12.96
N ASN B 99 14.63 9.68 -11.93
CA ASN B 99 14.44 10.77 -10.99
C ASN B 99 14.99 10.50 -9.60
N LEU B 100 15.90 9.52 -9.50
CA LEU B 100 16.58 9.23 -8.24
C LEU B 100 17.31 10.44 -7.67
N ASP B 101 17.82 11.30 -8.55
CA ASP B 101 18.63 12.45 -8.10
C ASP B 101 17.83 13.43 -7.26
N THR B 102 16.51 13.39 -7.34
CA THR B 102 15.69 14.27 -6.52
C THR B 102 14.81 13.50 -5.54
N TYR B 103 14.97 12.18 -5.50
CA TYR B 103 14.27 11.37 -4.52
C TYR B 103 14.52 11.93 -3.12
N ASN B 104 13.43 12.08 -2.35
CA ASN B 104 13.51 12.63 -1.01
C ASN B 104 12.90 11.70 0.03
N LYS B 105 13.74 11.24 0.95
CA LYS B 105 13.33 10.29 1.98
C LYS B 105 12.18 10.80 2.84
N LYS B 106 12.01 12.12 2.89
CA LYS B 106 11.02 12.69 3.79
C LYS B 106 9.60 12.39 3.30
N TYR B 107 9.47 11.95 2.06
CA TYR B 107 8.16 11.64 1.48
C TYR B 107 7.83 10.14 1.64
N ARG B 108 8.81 9.40 2.13
CA ARG B 108 8.64 7.98 2.42
C ARG B 108 7.62 7.86 3.57
N TYR B 109 6.88 6.76 3.61
CA TYR B 109 6.03 6.46 4.76
C TYR B 109 4.91 7.47 5.00
N ASN B 110 4.32 7.96 3.92
CA ASN B 110 3.30 9.00 4.04
C ASN B 110 1.90 8.45 4.31
N TYR B 111 1.56 8.24 5.58
CA TYR B 111 0.21 7.81 5.92
C TYR B 111 -0.69 9.04 5.98
N LEU B 112 -0.14 10.19 5.62
CA LEU B 112 -0.93 11.41 5.52
C LEU B 112 -1.41 11.65 4.09
N LYS B 113 -1.37 10.61 3.26
CA LYS B 113 -1.90 10.69 1.90
C LYS B 113 -3.30 11.30 1.79
N PRO B 114 -4.21 11.04 2.76
CA PRO B 114 -5.53 11.69 2.61
C PRO B 114 -5.51 13.22 2.64
N PHE B 115 -4.42 13.84 3.08
CA PHE B 115 -4.34 15.30 3.08
C PHE B 115 -3.86 15.86 1.75
N CYS B 116 -3.47 14.98 0.84
CA CYS B 116 -3.02 15.40 -0.49
C CYS B 116 -4.11 16.17 -1.22
N LYS B 117 -3.71 17.18 -1.97
CA LYS B 117 -4.66 17.93 -2.80
C LYS B 117 -5.21 17.00 -3.88
N LYS B 118 -6.46 17.20 -4.26
CA LYS B 118 -7.13 16.31 -5.20
C LYS B 118 -6.42 16.30 -6.55
N ALA B 119 -6.26 15.10 -7.11
CA ALA B 119 -5.59 14.95 -8.41
C ALA B 119 -6.51 15.33 -9.55
N ASP B 120 -5.92 15.86 -10.62
CA ASP B 120 -6.65 16.14 -11.84
C ASP B 120 -7.12 14.84 -12.49
N PRO B 121 -8.18 14.90 -13.31
CA PRO B 121 -8.55 13.74 -14.13
C PRO B 121 -7.36 13.31 -15.00
N CYS B 122 -7.20 12.01 -15.18
CA CYS B 122 -6.09 11.50 -16.00
C CYS B 122 -6.18 12.00 -17.43
#